data_3BLE
#
_entry.id   3BLE
#
_cell.length_a   85.158
_cell.length_b   85.158
_cell.length_c   112.897
_cell.angle_alpha   90.000
_cell.angle_beta   90.000
_cell.angle_gamma   120.000
#
_symmetry.space_group_name_H-M   'P 31 2 1'
#
loop_
_entity.id
_entity.type
_entity.pdbx_description
1 polymer 'Citramalate synthase from Leptospira interrogans'
2 non-polymer 'ZINC ION'
3 non-polymer 'MALONATE ION'
4 water water
#
_entity_poly.entity_id   1
_entity_poly.type   'polypeptide(L)'
_entity_poly.pdbx_seq_one_letter_code
;GSHMGRSQKVSQMTKVETRLEILDVTLRDGEQTRGVSFSTSEKLNIAKFLLQKLNVDRVEIASARVSKGELETVQKIMEW
AATEQLTERIEILGFVDGNKTVDWIKDSGAKVLNLLTKGSLHHLEKQLGKTPKEFFTDVSFVIEYAIKSGLKINVYLEDW
SNGFRNSPDYVKSLVEHLSKEHIERIFLPDTLGVLSPEETFQGVDSLIQKYPDIHFEFHGHNDYDLSVANSLQAIRAGVK
GLHASINGLGERAGNTPLEALVTTIHDKSNSKTNINEIAITEASRLVEVFSGKRISANRPIVGEDVFTQTAGVHADGDKK
GNLYANPILPERFGRKR
;
_entity_poly.pdbx_strand_id   A
#
# COMPACT_ATOMS: atom_id res chain seq x y z
N ARG A 19 13.51 -9.68 -3.42
CA ARG A 19 13.48 -9.75 -1.93
C ARG A 19 12.36 -8.88 -1.34
N LEU A 20 12.34 -7.60 -1.68
CA LEU A 20 11.31 -6.69 -1.17
C LEU A 20 9.94 -7.00 -1.73
N GLU A 21 8.91 -6.94 -0.88
CA GLU A 21 7.56 -7.17 -1.36
C GLU A 21 6.98 -5.83 -1.80
N ILE A 22 6.08 -5.86 -2.76
CA ILE A 22 5.42 -4.64 -3.22
C ILE A 22 3.92 -4.84 -3.11
N LEU A 23 3.27 -3.93 -2.40
CA LEU A 23 1.82 -3.98 -2.24
C LEU A 23 1.26 -2.84 -3.09
N ASP A 24 0.42 -3.16 -4.06
CA ASP A 24 -0.18 -2.11 -4.87
C ASP A 24 -1.51 -1.71 -4.23
N VAL A 25 -1.77 -0.42 -4.13
CA VAL A 25 -3.00 0.05 -3.51
C VAL A 25 -3.81 0.86 -4.49
N THR A 26 -3.47 0.73 -5.76
CA THR A 26 -4.16 1.45 -6.82
C THR A 26 -5.69 1.32 -6.77
N LEU A 27 -6.17 0.09 -6.61
CA LEU A 27 -7.62 -0.12 -6.62
C LEU A 27 -8.37 0.41 -5.40
N ARG A 28 -7.76 0.31 -4.23
CA ARG A 28 -8.40 0.80 -3.02
C ARG A 28 -8.34 2.33 -2.93
N ASP A 29 -7.15 2.90 -3.04
CA ASP A 29 -7.02 4.35 -2.97
C ASP A 29 -7.60 5.07 -4.18
N GLY A 30 -7.51 4.43 -5.35
CA GLY A 30 -8.06 5.06 -6.55
C GLY A 30 -9.56 5.24 -6.41
N GLU A 31 -10.21 4.25 -5.81
CA GLU A 31 -11.65 4.30 -5.61
C GLU A 31 -11.97 5.51 -4.74
N GLN A 32 -10.96 6.00 -4.02
CA GLN A 32 -11.10 7.17 -3.14
C GLN A 32 -10.84 8.48 -3.89
N THR A 33 -10.06 8.42 -4.96
CA THR A 33 -9.72 9.61 -5.73
C THR A 33 -10.93 10.34 -6.32
N ARG A 34 -10.87 11.67 -6.31
CA ARG A 34 -11.97 12.48 -6.83
C ARG A 34 -12.26 12.13 -8.29
N GLY A 35 -13.53 11.89 -8.60
CA GLY A 35 -13.92 11.58 -9.97
C GLY A 35 -13.59 10.17 -10.44
N VAL A 36 -13.08 9.34 -9.55
CA VAL A 36 -12.73 7.97 -9.93
C VAL A 36 -13.64 6.92 -9.30
N SER A 37 -14.04 5.96 -10.12
CA SER A 37 -14.88 4.85 -9.67
C SER A 37 -14.74 3.75 -10.71
N PHE A 38 -14.21 2.62 -10.30
CA PHE A 38 -14.02 1.50 -11.23
C PHE A 38 -15.22 0.58 -11.18
N SER A 39 -15.60 0.05 -12.35
CA SER A 39 -16.71 -0.88 -12.41
C SER A 39 -16.11 -2.21 -11.99
N THR A 40 -16.97 -3.19 -11.75
CA THR A 40 -16.50 -4.50 -11.34
C THR A 40 -15.54 -5.09 -12.37
N SER A 41 -15.91 -5.04 -13.64
CA SER A 41 -15.05 -5.58 -14.69
C SER A 41 -13.70 -4.87 -14.72
N GLU A 42 -13.72 -3.55 -14.59
CA GLU A 42 -12.48 -2.77 -14.59
C GLU A 42 -11.55 -3.17 -13.44
N LYS A 43 -12.11 -3.28 -12.23
CA LYS A 43 -11.29 -3.67 -11.08
C LYS A 43 -10.70 -5.06 -11.31
N LEU A 44 -11.54 -5.96 -11.78
CA LEU A 44 -11.10 -7.34 -12.06
C LEU A 44 -9.98 -7.32 -13.09
N ASN A 45 -10.22 -6.62 -14.19
CA ASN A 45 -9.20 -6.52 -15.25
C ASN A 45 -7.88 -6.03 -14.68
N ILE A 46 -7.93 -4.92 -13.94
CA ILE A 46 -6.73 -4.34 -13.35
C ILE A 46 -6.04 -5.27 -12.35
N ALA A 47 -6.81 -5.85 -11.43
CA ALA A 47 -6.22 -6.75 -10.45
C ALA A 47 -5.49 -7.91 -11.13
N LYS A 48 -6.13 -8.48 -12.14
CA LYS A 48 -5.53 -9.59 -12.89
C LYS A 48 -4.20 -9.16 -13.48
N PHE A 49 -4.18 -8.00 -14.12
CA PHE A 49 -2.94 -7.52 -14.74
C PHE A 49 -1.83 -7.29 -13.71
N LEU A 50 -2.17 -6.63 -12.61
CA LEU A 50 -1.17 -6.35 -11.57
C LEU A 50 -0.51 -7.62 -11.01
N LEU A 51 -1.32 -8.62 -10.70
CA LEU A 51 -0.81 -9.85 -10.13
C LEU A 51 -0.15 -10.78 -11.15
N GLN A 52 -0.80 -10.98 -12.28
CA GLN A 52 -0.25 -11.89 -13.28
C GLN A 52 0.77 -11.30 -14.25
N LYS A 53 0.55 -10.07 -14.72
CA LYS A 53 1.48 -9.44 -15.65
C LYS A 53 2.60 -8.62 -15.00
N LEU A 54 2.21 -7.60 -14.24
CA LEU A 54 3.21 -6.75 -13.57
C LEU A 54 3.91 -7.58 -12.51
N ASN A 55 3.19 -8.56 -11.98
CA ASN A 55 3.68 -9.44 -10.94
C ASN A 55 3.95 -8.74 -9.60
N VAL A 56 3.03 -7.88 -9.18
CA VAL A 56 3.18 -7.24 -7.87
C VAL A 56 2.82 -8.36 -6.90
N ASP A 57 3.41 -8.34 -5.72
CA ASP A 57 3.16 -9.39 -4.75
C ASP A 57 1.72 -9.47 -4.26
N ARG A 58 1.17 -8.32 -3.85
CA ARG A 58 -0.20 -8.27 -3.35
C ARG A 58 -0.92 -7.01 -3.84
N VAL A 59 -2.25 -7.05 -3.82
CA VAL A 59 -3.05 -5.89 -4.22
C VAL A 59 -4.09 -5.61 -3.14
N GLU A 60 -4.20 -4.34 -2.76
CA GLU A 60 -5.19 -3.92 -1.76
C GLU A 60 -6.27 -3.37 -2.68
N ILE A 61 -7.37 -4.11 -2.79
CA ILE A 61 -8.41 -3.71 -3.75
C ILE A 61 -9.64 -2.95 -3.32
N ALA A 62 -9.89 -2.86 -2.02
CA ALA A 62 -11.06 -2.15 -1.56
C ALA A 62 -11.00 -1.86 -0.07
N SER A 63 -11.97 -1.10 0.41
CA SER A 63 -12.07 -0.78 1.84
C SER A 63 -13.36 -1.43 2.31
N ALA A 64 -13.29 -2.15 3.42
CA ALA A 64 -14.46 -2.82 3.96
C ALA A 64 -15.61 -1.87 4.28
N ARG A 65 -16.84 -2.37 4.14
CA ARG A 65 -18.05 -1.61 4.46
C ARG A 65 -18.36 -0.41 3.56
N VAL A 66 -17.66 -0.25 2.46
CA VAL A 66 -17.92 0.89 1.58
C VAL A 66 -19.34 0.81 1.00
N SER A 67 -19.74 -0.38 0.57
CA SER A 67 -21.07 -0.56 0.00
C SER A 67 -21.19 -1.93 -0.65
N LYS A 68 -22.43 -2.32 -0.95
CA LYS A 68 -22.65 -3.59 -1.63
C LYS A 68 -22.19 -3.26 -3.04
N GLY A 69 -22.03 -4.25 -3.90
CA GLY A 69 -21.55 -3.95 -5.22
C GLY A 69 -20.05 -3.99 -5.06
N GLU A 70 -19.51 -3.14 -4.19
CA GLU A 70 -18.08 -3.18 -3.93
C GLU A 70 -17.88 -4.54 -3.28
N LEU A 71 -18.83 -4.92 -2.44
CA LEU A 71 -18.79 -6.22 -1.79
C LEU A 71 -18.86 -7.23 -2.93
N GLU A 72 -19.77 -6.98 -3.87
CA GLU A 72 -19.95 -7.84 -5.03
C GLU A 72 -18.69 -7.90 -5.88
N THR A 73 -18.07 -6.75 -6.09
CA THR A 73 -16.85 -6.67 -6.88
C THR A 73 -15.76 -7.52 -6.24
N VAL A 74 -15.59 -7.40 -4.93
CA VAL A 74 -14.56 -8.19 -4.27
C VAL A 74 -14.88 -9.69 -4.38
N GLN A 75 -16.15 -10.05 -4.24
CA GLN A 75 -16.54 -11.45 -4.35
C GLN A 75 -16.19 -12.01 -5.73
N LYS A 76 -16.47 -11.24 -6.77
CA LYS A 76 -16.16 -11.69 -8.12
C LYS A 76 -14.66 -11.83 -8.28
N ILE A 77 -13.90 -10.91 -7.69
CA ILE A 77 -12.46 -10.97 -7.79
C ILE A 77 -11.91 -12.18 -7.03
N MET A 78 -12.51 -12.51 -5.90
CA MET A 78 -12.04 -13.66 -5.12
C MET A 78 -12.37 -14.97 -5.85
N GLU A 79 -13.54 -15.03 -6.48
CA GLU A 79 -13.93 -16.22 -7.24
C GLU A 79 -12.83 -16.51 -8.25
N TRP A 80 -12.36 -15.45 -8.92
CA TRP A 80 -11.29 -15.59 -9.90
C TRP A 80 -9.98 -15.99 -9.21
N ALA A 81 -9.67 -15.31 -8.11
CA ALA A 81 -8.44 -15.57 -7.38
C ALA A 81 -8.28 -17.03 -7.00
N ALA A 82 -9.37 -17.64 -6.54
CA ALA A 82 -9.36 -19.05 -6.16
C ALA A 82 -8.93 -19.84 -7.38
N THR A 83 -9.60 -19.56 -8.49
CA THR A 83 -9.33 -20.20 -9.76
C THR A 83 -7.86 -20.16 -10.16
N GLU A 84 -7.11 -19.20 -9.62
CA GLU A 84 -5.71 -19.07 -9.99
C GLU A 84 -4.73 -19.26 -8.82
N GLN A 85 -5.24 -19.69 -7.68
CA GLN A 85 -4.41 -19.90 -6.49
C GLN A 85 -3.77 -18.60 -5.99
N LEU A 86 -4.48 -17.49 -6.18
CA LEU A 86 -3.99 -16.17 -5.78
C LEU A 86 -4.78 -15.55 -4.63
N THR A 87 -5.68 -16.32 -4.04
CA THR A 87 -6.52 -15.81 -2.95
C THR A 87 -5.83 -14.98 -1.87
N GLU A 88 -4.72 -15.45 -1.34
CA GLU A 88 -4.04 -14.71 -0.27
C GLU A 88 -3.29 -13.45 -0.70
N ARG A 89 -3.24 -13.18 -2.00
CA ARG A 89 -2.55 -12.00 -2.49
C ARG A 89 -3.45 -10.77 -2.57
N ILE A 90 -4.71 -10.94 -2.20
CA ILE A 90 -5.67 -9.83 -2.23
C ILE A 90 -5.93 -9.35 -0.80
N GLU A 91 -5.78 -8.05 -0.57
CA GLU A 91 -5.97 -7.49 0.76
C GLU A 91 -7.06 -6.42 0.79
N ILE A 92 -7.77 -6.36 1.91
CA ILE A 92 -8.86 -5.42 2.08
C ILE A 92 -8.55 -4.49 3.25
N LEU A 93 -8.68 -3.18 3.04
CA LEU A 93 -8.43 -2.25 4.13
C LEU A 93 -9.67 -2.21 5.05
N GLY A 94 -9.44 -2.37 6.35
CA GLY A 94 -10.54 -2.39 7.30
C GLY A 94 -10.33 -1.50 8.51
N PHE A 95 -11.34 -1.44 9.38
CA PHE A 95 -11.28 -0.58 10.55
C PHE A 95 -11.55 -1.27 11.90
N VAL A 96 -11.11 -0.61 12.97
CA VAL A 96 -11.31 -1.11 14.34
C VAL A 96 -12.75 -0.70 14.66
N ASP A 97 -13.68 -1.57 14.28
CA ASP A 97 -15.10 -1.28 14.47
C ASP A 97 -15.87 -2.46 15.04
N GLY A 98 -15.17 -3.29 15.81
CA GLY A 98 -15.81 -4.45 16.42
C GLY A 98 -15.91 -5.65 15.50
N ASN A 99 -17.14 -5.93 15.05
CA ASN A 99 -17.39 -7.07 14.19
C ASN A 99 -17.68 -6.70 12.73
N LYS A 100 -17.99 -5.42 12.50
CA LYS A 100 -18.34 -4.95 11.17
C LYS A 100 -17.33 -5.23 10.05
N THR A 101 -16.13 -4.71 10.17
CA THR A 101 -15.11 -4.94 9.14
C THR A 101 -14.87 -6.43 8.88
N VAL A 102 -14.64 -7.20 9.95
CA VAL A 102 -14.39 -8.62 9.79
C VAL A 102 -15.56 -9.36 9.13
N ASP A 103 -16.79 -9.06 9.54
CA ASP A 103 -17.96 -9.71 8.94
C ASP A 103 -18.02 -9.38 7.44
N TRP A 104 -17.81 -8.11 7.11
CA TRP A 104 -17.84 -7.66 5.71
C TRP A 104 -16.82 -8.45 4.91
N ILE A 105 -15.58 -8.51 5.38
CA ILE A 105 -14.54 -9.23 4.68
C ILE A 105 -14.88 -10.72 4.57
N LYS A 106 -15.44 -11.29 5.63
CA LYS A 106 -15.82 -12.69 5.62
C LYS A 106 -16.76 -12.95 4.45
N ASP A 107 -17.78 -12.10 4.31
CA ASP A 107 -18.76 -12.24 3.23
C ASP A 107 -18.18 -11.98 1.85
N SER A 108 -17.15 -11.13 1.79
CA SER A 108 -16.52 -10.79 0.52
C SER A 108 -15.73 -11.96 -0.07
N GLY A 109 -15.28 -12.85 0.80
CA GLY A 109 -14.50 -13.98 0.33
C GLY A 109 -13.01 -13.71 0.47
N ALA A 110 -12.65 -12.47 0.78
CA ALA A 110 -11.24 -12.10 0.95
C ALA A 110 -10.69 -12.75 2.21
N LYS A 111 -9.38 -12.98 2.23
CA LYS A 111 -8.72 -13.63 3.35
C LYS A 111 -7.68 -12.81 4.09
N VAL A 112 -7.50 -11.54 3.70
CA VAL A 112 -6.50 -10.70 4.37
C VAL A 112 -7.05 -9.34 4.71
N LEU A 113 -6.84 -8.94 5.96
CA LEU A 113 -7.31 -7.66 6.47
C LEU A 113 -6.14 -6.73 6.74
N ASN A 114 -6.22 -5.51 6.23
CA ASN A 114 -5.20 -4.49 6.46
C ASN A 114 -5.91 -3.51 7.38
N LEU A 115 -5.75 -3.73 8.69
CA LEU A 115 -6.41 -2.94 9.71
C LEU A 115 -5.84 -1.55 9.94
N LEU A 116 -6.69 -0.54 9.81
CA LEU A 116 -6.30 0.85 10.04
C LEU A 116 -6.38 1.19 11.53
N THR A 117 -5.25 1.35 12.19
CA THR A 117 -5.26 1.70 13.61
C THR A 117 -4.64 3.07 13.83
N LYS A 118 -5.11 3.80 14.84
CA LYS A 118 -4.56 5.11 15.14
C LYS A 118 -3.10 5.01 15.55
N GLY A 119 -2.22 5.53 14.69
CA GLY A 119 -0.79 5.47 14.94
C GLY A 119 -0.13 6.70 15.55
N SER A 120 -0.94 7.66 15.99
CA SER A 120 -0.40 8.84 16.66
C SER A 120 -1.33 9.15 17.83
N LEU A 121 -0.74 9.56 18.96
CA LEU A 121 -1.54 9.88 20.13
C LEU A 121 -2.57 10.95 19.78
N HIS A 122 -2.14 11.94 19.00
CA HIS A 122 -3.02 13.02 18.60
C HIS A 122 -4.26 12.53 17.86
N HIS A 123 -4.09 11.59 16.93
CA HIS A 123 -5.22 11.07 16.18
C HIS A 123 -6.16 10.27 17.08
N LEU A 124 -5.58 9.42 17.92
CA LEU A 124 -6.35 8.59 18.84
C LEU A 124 -7.24 9.45 19.72
N GLU A 125 -6.65 10.42 20.40
CA GLU A 125 -7.39 11.29 21.30
C GLU A 125 -8.42 12.18 20.62
N LYS A 126 -8.01 12.83 19.53
CA LYS A 126 -8.92 13.73 18.82
C LYS A 126 -10.08 13.06 18.08
N GLN A 127 -9.87 11.85 17.60
CA GLN A 127 -10.94 11.15 16.88
C GLN A 127 -11.74 10.16 17.70
N LEU A 128 -11.05 9.39 18.54
CA LEU A 128 -11.71 8.39 19.36
C LEU A 128 -11.94 8.83 20.79
N GLY A 129 -11.08 9.70 21.30
CA GLY A 129 -11.23 10.16 22.67
C GLY A 129 -11.14 8.97 23.61
N LYS A 130 -10.30 8.01 23.25
CA LYS A 130 -10.11 6.82 24.06
C LYS A 130 -8.67 6.76 24.56
N THR A 131 -8.47 5.98 25.61
CA THR A 131 -7.17 5.79 26.22
C THR A 131 -6.40 4.75 25.41
N PRO A 132 -5.06 4.84 25.39
CA PRO A 132 -4.27 3.86 24.65
C PRO A 132 -4.70 2.44 25.01
N LYS A 133 -4.83 2.15 26.30
CA LYS A 133 -5.23 0.82 26.74
C LYS A 133 -6.62 0.44 26.25
N GLU A 134 -7.55 1.39 26.28
CA GLU A 134 -8.91 1.13 25.83
C GLU A 134 -8.90 0.83 24.33
N PHE A 135 -8.20 1.66 23.56
CA PHE A 135 -8.13 1.46 22.12
C PHE A 135 -7.40 0.17 21.78
N PHE A 136 -6.29 -0.11 22.47
CA PHE A 136 -5.56 -1.34 22.20
C PHE A 136 -6.47 -2.55 22.44
N THR A 137 -7.46 -2.39 23.32
CA THR A 137 -8.38 -3.47 23.61
C THR A 137 -9.35 -3.64 22.45
N ASP A 138 -9.81 -2.53 21.88
CA ASP A 138 -10.70 -2.59 20.73
C ASP A 138 -9.94 -3.29 19.61
N VAL A 139 -8.66 -2.94 19.48
CA VAL A 139 -7.80 -3.51 18.46
C VAL A 139 -7.63 -5.02 18.63
N SER A 140 -7.36 -5.46 19.86
CA SER A 140 -7.20 -6.88 20.12
C SER A 140 -8.47 -7.68 19.79
N PHE A 141 -9.63 -7.05 20.00
CA PHE A 141 -10.91 -7.70 19.71
C PHE A 141 -11.02 -7.98 18.21
N VAL A 142 -10.73 -6.96 17.41
CA VAL A 142 -10.81 -7.10 15.95
C VAL A 142 -9.83 -8.16 15.45
N ILE A 143 -8.58 -8.08 15.89
CA ILE A 143 -7.58 -9.04 15.46
C ILE A 143 -7.93 -10.48 15.83
N GLU A 144 -8.39 -10.69 17.06
CA GLU A 144 -8.75 -12.03 17.51
C GLU A 144 -9.96 -12.54 16.72
N TYR A 145 -10.96 -11.69 16.57
CA TYR A 145 -12.17 -12.05 15.84
C TYR A 145 -11.82 -12.36 14.39
N ALA A 146 -10.88 -11.60 13.84
CA ALA A 146 -10.43 -11.80 12.47
C ALA A 146 -9.80 -13.18 12.32
N ILE A 147 -8.93 -13.54 13.25
CA ILE A 147 -8.27 -14.84 13.22
C ILE A 147 -9.31 -15.95 13.39
N LYS A 148 -10.30 -15.68 14.24
CA LYS A 148 -11.37 -16.63 14.51
C LYS A 148 -12.13 -16.85 13.21
N SER A 149 -12.29 -15.77 12.44
CA SER A 149 -13.01 -15.80 11.17
C SER A 149 -12.20 -16.34 10.00
N GLY A 150 -11.00 -16.83 10.27
CA GLY A 150 -10.16 -17.39 9.23
C GLY A 150 -9.39 -16.38 8.38
N LEU A 151 -9.09 -15.21 8.96
CA LEU A 151 -8.36 -14.18 8.21
C LEU A 151 -6.94 -14.01 8.71
N LYS A 152 -6.13 -13.34 7.91
CA LYS A 152 -4.77 -13.01 8.28
C LYS A 152 -4.80 -11.48 8.36
N ILE A 153 -3.97 -10.91 9.23
CA ILE A 153 -4.01 -9.46 9.42
C ILE A 153 -2.69 -8.70 9.29
N ASN A 154 -2.75 -7.56 8.62
CA ASN A 154 -1.62 -6.64 8.49
C ASN A 154 -2.17 -5.43 9.20
N VAL A 155 -1.32 -4.65 9.85
CA VAL A 155 -1.81 -3.49 10.58
C VAL A 155 -1.14 -2.17 10.18
N TYR A 156 -1.96 -1.18 9.82
CA TYR A 156 -1.48 0.16 9.46
C TYR A 156 -1.38 1.02 10.72
N LEU A 157 -0.27 1.72 10.90
CA LEU A 157 -0.16 2.63 12.04
C LEU A 157 -0.50 3.99 11.42
N GLU A 158 -1.80 4.26 11.25
CA GLU A 158 -2.24 5.51 10.65
C GLU A 158 -1.66 6.75 11.31
N ASP A 159 -1.12 7.64 10.48
CA ASP A 159 -0.50 8.90 10.92
C ASP A 159 0.81 8.65 11.67
N TRP A 160 1.42 7.50 11.41
CA TRP A 160 2.69 7.14 12.04
C TRP A 160 3.76 8.21 11.81
N SER A 161 3.79 8.79 10.62
CA SER A 161 4.79 9.82 10.29
C SER A 161 4.73 11.02 11.25
N ASN A 162 3.56 11.28 11.81
CA ASN A 162 3.42 12.35 12.79
C ASN A 162 3.60 11.76 14.18
N GLY A 163 3.14 10.51 14.34
CA GLY A 163 3.24 9.81 15.60
C GLY A 163 4.64 9.61 16.17
N PHE A 164 5.57 9.11 15.36
CA PHE A 164 6.90 8.89 15.88
C PHE A 164 7.67 10.18 16.12
N ARG A 165 7.19 11.28 15.54
CA ARG A 165 7.84 12.58 15.70
C ARG A 165 7.23 13.39 16.84
N ASN A 166 5.93 13.23 17.08
CA ASN A 166 5.26 13.98 18.13
C ASN A 166 4.80 13.17 19.35
N SER A 167 4.82 11.85 19.24
CA SER A 167 4.40 10.99 20.35
C SER A 167 5.03 9.61 20.24
N PRO A 168 6.37 9.56 20.19
CA PRO A 168 7.10 8.30 20.07
C PRO A 168 6.80 7.28 21.16
N ASP A 169 6.33 7.74 22.32
CA ASP A 169 6.01 6.83 23.40
C ASP A 169 4.78 6.02 23.02
N TYR A 170 3.73 6.72 22.56
CA TYR A 170 2.51 6.06 22.15
C TYR A 170 2.82 5.05 21.06
N VAL A 171 3.61 5.48 20.07
CA VAL A 171 3.97 4.61 18.97
C VAL A 171 4.67 3.34 19.46
N LYS A 172 5.63 3.49 20.36
CA LYS A 172 6.35 2.34 20.88
C LYS A 172 5.41 1.38 21.61
N SER A 173 4.48 1.92 22.38
CA SER A 173 3.54 1.07 23.12
C SER A 173 2.57 0.38 22.17
N LEU A 174 2.21 1.05 21.09
CA LEU A 174 1.30 0.49 20.10
C LEU A 174 2.00 -0.72 19.45
N VAL A 175 3.20 -0.51 18.92
CA VAL A 175 3.95 -1.58 18.29
C VAL A 175 4.19 -2.71 19.29
N GLU A 176 4.44 -2.36 20.54
CA GLU A 176 4.66 -3.36 21.58
C GLU A 176 3.41 -4.24 21.70
N HIS A 177 2.26 -3.60 21.76
CA HIS A 177 0.99 -4.31 21.88
C HIS A 177 0.80 -5.24 20.67
N LEU A 178 1.05 -4.71 19.48
CA LEU A 178 0.89 -5.47 18.24
C LEU A 178 1.91 -6.58 18.09
N SER A 179 3.07 -6.42 18.72
CA SER A 179 4.13 -7.43 18.64
C SER A 179 3.69 -8.71 19.37
N LYS A 180 2.71 -8.57 20.25
CA LYS A 180 2.20 -9.72 21.00
C LYS A 180 1.01 -10.35 20.26
N GLU A 181 0.55 -9.65 19.23
CA GLU A 181 -0.59 -10.10 18.44
C GLU A 181 -0.15 -10.97 17.25
N HIS A 182 -1.03 -11.84 16.78
CA HIS A 182 -0.71 -12.72 15.66
C HIS A 182 -1.01 -12.06 14.31
N ILE A 183 -0.17 -11.12 13.93
CA ILE A 183 -0.33 -10.39 12.67
C ILE A 183 0.81 -10.73 11.70
N GLU A 184 0.60 -10.46 10.42
CA GLU A 184 1.60 -10.77 9.41
C GLU A 184 2.65 -9.67 9.21
N ARG A 185 2.18 -8.42 9.13
CA ARG A 185 3.08 -7.30 8.92
C ARG A 185 2.57 -6.04 9.59
N ILE A 186 3.47 -5.08 9.80
CA ILE A 186 3.08 -3.80 10.35
C ILE A 186 3.43 -2.76 9.29
N PHE A 187 2.44 -1.96 8.88
CA PHE A 187 2.65 -0.94 7.87
C PHE A 187 2.96 0.40 8.54
N LEU A 188 3.99 1.08 8.04
CA LEU A 188 4.41 2.39 8.55
C LEU A 188 4.07 3.42 7.48
N PRO A 189 2.87 4.01 7.56
CA PRO A 189 2.40 5.00 6.60
C PRO A 189 2.69 6.47 6.87
N ASP A 190 3.17 7.17 5.84
CA ASP A 190 3.39 8.60 5.92
C ASP A 190 2.05 9.12 5.39
N THR A 191 1.01 8.84 6.16
CA THR A 191 -0.36 9.18 5.82
C THR A 191 -0.60 10.57 5.24
N LEU A 192 -0.06 11.61 5.89
CA LEU A 192 -0.28 12.95 5.39
C LEU A 192 0.85 13.41 4.44
N GLY A 193 1.81 12.52 4.19
CA GLY A 193 2.94 12.81 3.30
C GLY A 193 3.81 13.98 3.70
N VAL A 194 4.18 14.02 4.97
CA VAL A 194 4.98 15.12 5.53
C VAL A 194 6.46 14.82 5.79
N LEU A 195 6.91 13.60 5.51
CA LEU A 195 8.30 13.25 5.79
C LEU A 195 9.37 13.57 4.73
N SER A 196 10.59 13.74 5.22
CA SER A 196 11.75 13.98 4.37
C SER A 196 12.43 12.62 4.39
N PRO A 197 13.39 12.39 3.48
CA PRO A 197 14.05 11.08 3.51
C PRO A 197 14.75 10.78 4.83
N GLU A 198 15.38 11.80 5.41
CA GLU A 198 16.09 11.66 6.68
C GLU A 198 15.14 11.19 7.78
N GLU A 199 14.01 11.89 7.91
CA GLU A 199 13.02 11.54 8.91
C GLU A 199 12.50 10.11 8.72
N THR A 200 12.32 9.70 7.46
CA THR A 200 11.83 8.35 7.17
C THR A 200 12.81 7.30 7.68
N PHE A 201 14.09 7.48 7.38
CA PHE A 201 15.10 6.54 7.82
C PHE A 201 15.10 6.45 9.34
N GLN A 202 14.99 7.60 10.00
CA GLN A 202 14.97 7.67 11.45
C GLN A 202 13.77 6.95 12.07
N GLY A 203 12.58 7.25 11.56
CA GLY A 203 11.38 6.61 12.07
C GLY A 203 11.41 5.11 11.89
N VAL A 204 11.79 4.67 10.69
CA VAL A 204 11.86 3.24 10.38
C VAL A 204 12.95 2.55 11.19
N ASP A 205 14.15 3.13 11.20
CA ASP A 205 15.27 2.57 11.94
C ASP A 205 14.93 2.41 13.42
N SER A 206 14.21 3.38 13.97
CA SER A 206 13.82 3.36 15.37
C SER A 206 13.02 2.12 15.75
N LEU A 207 12.17 1.63 14.84
CA LEU A 207 11.36 0.46 15.11
C LEU A 207 11.99 -0.86 14.69
N ILE A 208 12.66 -0.87 13.54
CA ILE A 208 13.29 -2.09 13.07
C ILE A 208 14.36 -2.60 14.02
N GLN A 209 15.01 -1.70 14.75
CA GLN A 209 16.04 -2.10 15.69
C GLN A 209 15.43 -2.69 16.95
N LYS A 210 14.31 -2.13 17.39
CA LYS A 210 13.62 -2.61 18.58
C LYS A 210 12.88 -3.92 18.30
N TYR A 211 12.37 -4.06 17.08
CA TYR A 211 11.64 -5.27 16.70
C TYR A 211 12.21 -5.84 15.40
N PRO A 212 13.42 -6.39 15.46
CA PRO A 212 14.12 -6.99 14.32
C PRO A 212 13.44 -8.22 13.74
N ASP A 213 12.42 -8.71 14.45
CA ASP A 213 11.70 -9.90 14.01
C ASP A 213 10.30 -9.59 13.46
N ILE A 214 10.07 -8.34 13.10
CA ILE A 214 8.77 -7.95 12.55
C ILE A 214 8.93 -7.48 11.11
N HIS A 215 7.98 -7.88 10.27
CA HIS A 215 7.97 -7.49 8.86
C HIS A 215 7.31 -6.13 8.73
N PHE A 216 8.11 -5.07 8.61
CA PHE A 216 7.57 -3.73 8.45
C PHE A 216 7.57 -3.35 6.96
N GLU A 217 6.61 -2.54 6.56
CA GLU A 217 6.54 -2.07 5.17
C GLU A 217 6.31 -0.56 5.25
N PHE A 218 6.93 0.18 4.33
CA PHE A 218 6.74 1.63 4.33
C PHE A 218 5.69 1.98 3.28
N HIS A 219 4.82 2.91 3.64
CA HIS A 219 3.69 3.35 2.79
C HIS A 219 3.78 4.87 2.56
N GLY A 220 4.46 5.29 1.50
CA GLY A 220 4.58 6.73 1.27
C GLY A 220 3.48 7.46 0.52
N HIS A 221 3.43 8.78 0.73
CA HIS A 221 2.50 9.67 0.03
C HIS A 221 3.35 10.79 -0.58
N ASN A 222 3.00 11.17 -1.81
CA ASN A 222 3.77 12.14 -2.60
C ASN A 222 3.55 13.65 -2.46
N ASP A 223 2.94 14.11 -1.37
CA ASP A 223 2.65 15.52 -1.18
C ASP A 223 3.81 16.50 -1.45
N TYR A 224 5.05 16.08 -1.21
CA TYR A 224 6.21 16.93 -1.46
C TYR A 224 7.09 16.38 -2.60
N ASP A 225 6.56 15.39 -3.31
CA ASP A 225 7.30 14.72 -4.39
C ASP A 225 8.56 14.10 -3.81
N LEU A 226 8.42 13.49 -2.64
CA LEU A 226 9.52 12.85 -1.94
C LEU A 226 9.26 11.38 -1.60
N SER A 227 8.14 10.83 -2.04
CA SER A 227 7.79 9.45 -1.71
C SER A 227 8.75 8.37 -2.20
N VAL A 228 9.30 8.49 -3.41
CA VAL A 228 10.24 7.44 -3.84
C VAL A 228 11.52 7.55 -3.04
N ALA A 229 11.97 8.79 -2.79
CA ALA A 229 13.19 9.01 -2.01
C ALA A 229 12.99 8.50 -0.59
N ASN A 230 11.82 8.79 -0.01
CA ASN A 230 11.54 8.31 1.34
C ASN A 230 11.59 6.79 1.35
N SER A 231 11.00 6.17 0.31
CA SER A 231 10.99 4.73 0.22
C SER A 231 12.39 4.13 0.17
N LEU A 232 13.30 4.79 -0.53
CA LEU A 232 14.68 4.30 -0.62
C LEU A 232 15.31 4.30 0.76
N GLN A 233 15.04 5.33 1.54
CA GLN A 233 15.58 5.40 2.89
C GLN A 233 14.91 4.34 3.76
N ALA A 234 13.65 4.05 3.46
CA ALA A 234 12.90 3.04 4.19
C ALA A 234 13.58 1.70 3.98
N ILE A 235 14.06 1.47 2.76
CA ILE A 235 14.75 0.24 2.43
C ILE A 235 16.06 0.18 3.21
N ARG A 236 16.71 1.33 3.29
CA ARG A 236 17.98 1.46 4.02
C ARG A 236 17.83 1.14 5.50
N ALA A 237 16.67 1.49 6.06
CA ALA A 237 16.40 1.27 7.48
C ALA A 237 15.98 -0.16 7.83
N GLY A 238 15.78 -1.00 6.82
CA GLY A 238 15.40 -2.39 7.08
C GLY A 238 14.00 -2.85 6.71
N VAL A 239 13.28 -2.03 5.95
CA VAL A 239 11.91 -2.38 5.55
C VAL A 239 11.93 -3.63 4.64
N LYS A 240 10.93 -4.49 4.79
CA LYS A 240 10.87 -5.70 3.96
C LYS A 240 9.84 -5.58 2.85
N GLY A 241 9.15 -4.45 2.80
CA GLY A 241 8.15 -4.23 1.77
C GLY A 241 7.81 -2.76 1.61
N LEU A 242 7.21 -2.43 0.47
CA LEU A 242 6.81 -1.06 0.18
C LEU A 242 5.46 -1.02 -0.50
N HIS A 243 4.70 0.04 -0.24
CA HIS A 243 3.40 0.23 -0.85
C HIS A 243 3.54 1.28 -1.96
N ALA A 244 2.71 1.18 -2.99
CA ALA A 244 2.75 2.13 -4.09
C ALA A 244 1.50 1.96 -4.94
N SER A 245 1.27 2.89 -5.85
CA SER A 245 0.14 2.78 -6.75
C SER A 245 0.56 3.21 -8.15
N ILE A 246 -0.10 2.65 -9.16
CA ILE A 246 0.20 2.97 -10.55
C ILE A 246 -0.16 4.42 -10.81
N ASN A 247 0.77 5.17 -11.41
CA ASN A 247 0.57 6.58 -11.70
C ASN A 247 0.32 7.38 -10.44
N GLY A 248 0.69 6.82 -9.29
CA GLY A 248 0.48 7.51 -8.02
C GLY A 248 -1.00 7.76 -7.71
N LEU A 249 -1.88 7.01 -8.36
CA LEU A 249 -3.31 7.16 -8.15
C LEU A 249 -3.63 7.11 -6.65
N GLY A 250 -4.53 7.98 -6.20
CA GLY A 250 -4.89 8.04 -4.79
C GLY A 250 -5.28 9.47 -4.42
N GLU A 251 -5.83 9.65 -3.22
CA GLU A 251 -6.25 10.98 -2.77
C GLU A 251 -5.08 11.94 -2.66
N ARG A 252 -5.40 13.23 -2.70
CA ARG A 252 -4.39 14.29 -2.57
C ARG A 252 -3.33 14.16 -3.67
N ALA A 253 -2.07 14.02 -3.24
CA ALA A 253 -0.96 13.89 -4.17
C ALA A 253 -0.71 12.42 -4.49
N GLY A 254 -1.56 11.56 -3.96
CA GLY A 254 -1.45 10.13 -4.22
C GLY A 254 -0.34 9.41 -3.48
N ASN A 255 -0.17 8.15 -3.82
CA ASN A 255 0.83 7.28 -3.21
C ASN A 255 2.14 7.33 -3.96
N THR A 256 3.13 6.63 -3.41
CA THR A 256 4.42 6.54 -4.07
C THR A 256 4.13 5.97 -5.45
N PRO A 257 4.68 6.58 -6.51
CA PRO A 257 4.43 6.06 -7.86
C PRO A 257 5.17 4.75 -8.11
N LEU A 258 4.39 3.69 -8.28
CA LEU A 258 4.89 2.33 -8.52
C LEU A 258 5.93 2.27 -9.65
N GLU A 259 5.58 2.81 -10.81
CA GLU A 259 6.49 2.77 -11.95
C GLU A 259 7.88 3.33 -11.64
N ALA A 260 7.94 4.48 -10.98
CA ALA A 260 9.23 5.08 -10.63
C ALA A 260 9.90 4.40 -9.43
N LEU A 261 9.09 3.96 -8.47
CA LEU A 261 9.61 3.28 -7.27
C LEU A 261 10.38 2.01 -7.66
N VAL A 262 9.76 1.18 -8.49
CA VAL A 262 10.36 -0.08 -8.92
C VAL A 262 11.64 0.14 -9.71
N THR A 263 11.60 1.06 -10.67
CA THR A 263 12.76 1.36 -11.49
C THR A 263 13.93 1.85 -10.63
N THR A 264 13.63 2.74 -9.69
CA THR A 264 14.63 3.29 -8.79
C THR A 264 15.22 2.21 -7.87
N ILE A 265 14.38 1.31 -7.37
CA ILE A 265 14.87 0.24 -6.51
C ILE A 265 15.83 -0.64 -7.30
N HIS A 266 15.42 -0.97 -8.53
CA HIS A 266 16.23 -1.83 -9.38
C HIS A 266 17.55 -1.21 -9.83
N ASP A 267 17.54 0.09 -10.14
CA ASP A 267 18.74 0.77 -10.61
C ASP A 267 19.60 1.46 -9.54
N LYS A 268 18.98 2.00 -8.50
CA LYS A 268 19.74 2.74 -7.51
C LYS A 268 19.91 2.12 -6.13
N SER A 269 19.44 0.89 -5.95
CA SER A 269 19.59 0.22 -4.65
C SER A 269 20.08 -1.19 -4.92
N ASN A 270 20.62 -1.83 -3.89
CA ASN A 270 21.10 -3.19 -4.04
C ASN A 270 20.00 -4.19 -3.71
N SER A 271 18.78 -3.69 -3.55
CA SER A 271 17.63 -4.54 -3.25
C SER A 271 16.91 -4.92 -4.54
N LYS A 272 16.01 -5.89 -4.46
CA LYS A 272 15.28 -6.30 -5.66
C LYS A 272 13.78 -6.40 -5.45
N THR A 273 13.07 -6.52 -6.56
CA THR A 273 11.63 -6.60 -6.59
C THR A 273 11.24 -7.73 -7.55
N ASN A 274 10.03 -8.24 -7.44
CA ASN A 274 9.57 -9.32 -8.34
C ASN A 274 8.84 -8.76 -9.54
N ILE A 275 8.68 -7.45 -9.59
CA ILE A 275 7.96 -6.79 -10.68
C ILE A 275 8.59 -7.02 -12.05
N ASN A 276 7.74 -7.26 -13.05
CA ASN A 276 8.17 -7.45 -14.43
C ASN A 276 8.14 -6.07 -15.07
N GLU A 277 9.30 -5.43 -15.20
CA GLU A 277 9.38 -4.09 -15.78
C GLU A 277 8.69 -3.90 -17.12
N ILE A 278 8.71 -4.93 -17.96
CA ILE A 278 8.11 -4.85 -19.29
C ILE A 278 6.60 -4.58 -19.29
N ALA A 279 5.93 -4.90 -18.18
CA ALA A 279 4.49 -4.69 -18.08
C ALA A 279 4.14 -3.30 -17.52
N ILE A 280 5.16 -2.58 -17.07
CA ILE A 280 4.95 -1.26 -16.48
C ILE A 280 4.20 -0.26 -17.35
N THR A 281 4.55 -0.15 -18.62
CA THR A 281 3.86 0.79 -19.49
C THR A 281 2.38 0.47 -19.67
N GLU A 282 2.05 -0.78 -19.95
CA GLU A 282 0.65 -1.15 -20.16
C GLU A 282 -0.14 -0.95 -18.85
N ALA A 283 0.50 -1.22 -17.73
CA ALA A 283 -0.17 -1.05 -16.43
C ALA A 283 -0.57 0.43 -16.28
N SER A 284 0.35 1.33 -16.59
CA SER A 284 0.07 2.76 -16.48
C SER A 284 -1.05 3.18 -17.44
N ARG A 285 -1.02 2.68 -18.67
CA ARG A 285 -2.04 3.02 -19.66
C ARG A 285 -3.42 2.51 -19.22
N LEU A 286 -3.43 1.28 -18.70
CA LEU A 286 -4.65 0.63 -18.21
C LEU A 286 -5.30 1.50 -17.14
N VAL A 287 -4.53 1.79 -16.09
CA VAL A 287 -5.04 2.60 -14.98
C VAL A 287 -5.48 4.00 -15.42
N GLU A 288 -4.70 4.63 -16.30
CA GLU A 288 -5.04 5.97 -16.77
C GLU A 288 -6.39 5.98 -17.49
N VAL A 289 -6.57 5.04 -18.42
CA VAL A 289 -7.83 4.98 -19.16
C VAL A 289 -9.02 4.63 -18.26
N PHE A 290 -8.91 3.55 -17.51
CA PHE A 290 -10.01 3.14 -16.64
C PHE A 290 -10.32 4.13 -15.52
N SER A 291 -9.29 4.72 -14.92
CA SER A 291 -9.53 5.69 -13.85
C SER A 291 -10.01 7.02 -14.41
N GLY A 292 -9.57 7.35 -15.63
CA GLY A 292 -9.95 8.60 -16.23
C GLY A 292 -9.10 9.77 -15.73
N LYS A 293 -8.00 9.44 -15.03
CA LYS A 293 -7.11 10.46 -14.50
C LYS A 293 -5.86 10.52 -15.38
N ARG A 294 -5.74 11.57 -16.15
CA ARG A 294 -4.61 11.77 -17.07
C ARG A 294 -3.29 11.99 -16.37
N ILE A 295 -2.21 11.49 -16.98
CA ILE A 295 -0.88 11.71 -16.46
C ILE A 295 -0.24 12.72 -17.42
N SER A 296 0.80 13.41 -16.96
CA SER A 296 1.47 14.38 -17.82
C SER A 296 2.42 13.65 -18.77
N ALA A 297 2.75 14.29 -19.89
CA ALA A 297 3.64 13.68 -20.87
C ALA A 297 5.06 13.51 -20.35
N ASN A 298 5.43 14.28 -19.34
CA ASN A 298 6.77 14.16 -18.79
C ASN A 298 6.82 13.29 -17.55
N ARG A 299 5.74 12.55 -17.27
CA ARG A 299 5.73 11.68 -16.09
C ARG A 299 6.86 10.65 -16.16
N PRO A 300 7.72 10.65 -15.23
CA PRO A 300 8.85 9.74 -15.14
C PRO A 300 8.51 8.33 -15.56
N ILE A 301 9.41 7.73 -16.33
CA ILE A 301 9.27 6.33 -16.75
C ILE A 301 8.08 5.92 -17.60
N VAL A 302 6.97 6.62 -17.43
CA VAL A 302 5.74 6.26 -18.09
C VAL A 302 5.12 7.32 -19.00
N GLY A 303 5.60 8.55 -18.89
CA GLY A 303 5.07 9.63 -19.69
C GLY A 303 5.29 9.43 -21.18
N GLU A 304 4.47 9.94 -22.07
CA GLU A 304 4.54 9.83 -23.53
C GLU A 304 5.84 10.39 -24.11
N ASP A 305 6.30 11.52 -23.56
CA ASP A 305 7.52 12.18 -24.06
C ASP A 305 8.75 11.86 -23.24
N VAL A 306 8.63 10.94 -22.30
CA VAL A 306 9.73 10.62 -21.41
C VAL A 306 11.01 10.06 -22.03
N PHE A 307 10.92 9.47 -23.22
CA PHE A 307 12.11 8.91 -23.85
C PHE A 307 12.58 9.74 -25.05
N THR A 308 11.83 10.78 -25.39
CA THR A 308 12.15 11.63 -26.53
C THR A 308 13.10 12.78 -26.24
N GLN A 309 13.79 13.23 -27.29
CA GLN A 309 14.73 14.34 -27.23
C GLN A 309 15.04 14.83 -28.64
N ASN A 322 23.61 8.01 -28.91
CA ASN A 322 23.67 7.19 -27.66
C ASN A 322 24.45 7.93 -26.58
N LEU A 323 24.81 9.17 -26.87
CA LEU A 323 25.55 10.01 -25.94
C LEU A 323 24.67 10.40 -24.76
N TYR A 324 23.38 10.57 -25.03
CA TYR A 324 22.42 10.94 -24.00
C TYR A 324 21.45 9.79 -23.74
N ALA A 325 21.98 8.67 -23.28
CA ALA A 325 21.16 7.49 -23.00
C ALA A 325 21.17 7.15 -21.52
N ASN A 326 19.98 6.93 -20.96
CA ASN A 326 19.83 6.56 -19.55
C ASN A 326 19.51 5.09 -19.46
N PRO A 327 19.63 4.52 -18.25
CA PRO A 327 19.31 3.09 -18.10
C PRO A 327 17.81 2.96 -18.35
N ILE A 328 17.14 4.11 -18.39
CA ILE A 328 15.71 4.16 -18.61
C ILE A 328 15.41 4.15 -20.11
N LEU A 329 15.34 2.94 -20.67
CA LEU A 329 15.06 2.76 -22.09
C LEU A 329 13.61 2.32 -22.30
N PRO A 330 12.98 2.74 -23.40
CA PRO A 330 11.59 2.41 -23.73
C PRO A 330 11.26 0.92 -23.81
N GLU A 331 12.14 0.14 -24.43
CA GLU A 331 11.90 -1.30 -24.58
C GLU A 331 11.96 -2.02 -23.23
N ARG A 332 12.63 -1.40 -22.27
CA ARG A 332 12.74 -1.97 -20.93
C ARG A 332 11.37 -2.04 -20.27
N PHE A 333 10.53 -1.06 -20.57
CA PHE A 333 9.20 -1.02 -19.97
C PHE A 333 8.08 -1.39 -20.94
N GLY A 334 8.45 -2.17 -21.94
CA GLY A 334 7.47 -2.63 -22.93
C GLY A 334 7.03 -1.61 -23.94
N ARG A 335 7.79 -0.53 -24.11
CA ARG A 335 7.41 0.49 -25.08
C ARG A 335 8.38 0.57 -26.25
N LYS A 336 8.00 1.34 -27.27
CA LYS A 336 8.80 1.51 -28.48
C LYS A 336 9.33 0.18 -28.98
N ARG A 337 8.55 -0.88 -28.71
CA ARG A 337 8.94 -2.21 -29.14
C ARG A 337 8.81 -3.19 -27.99
#